data_9B74
#
_entry.id   9B74
#
_cell.length_a   123.325
_cell.length_b   123.325
_cell.length_c   90.714
_cell.angle_alpha   90.000
_cell.angle_beta   90.000
_cell.angle_gamma   120.000
#
_symmetry.space_group_name_H-M   'P 31 2 1'
#
loop_
_entity.id
_entity.type
_entity.pdbx_description
1 polymer 'h44H10-V14 Antibody, heavy chain'
2 polymer 'h44H10-V14 Antibody, light chain'
3 non-polymer 1,2-ETHANEDIOL
4 non-polymer 'SODIUM ION'
5 non-polymer 'ACETATE ION'
6 water water
#
loop_
_entity_poly.entity_id
_entity_poly.type
_entity_poly.pdbx_seq_one_letter_code
_entity_poly.pdbx_strand_id
1 'polypeptide(L)'
;QVQLQESGPGLVKPSETLSLTCTVSGFSLTSYGVHWIRQPPGKGLEWIGVIWAGGSINYNSALMSRVTISVDTSKNQFSL
KLSSVTAADTAVYYCARAYGDYVHYAMDYWGQGTLVTVSSASTKGPSVFPLAPSSKSTSGGTAALGCLVKDYFPEPVTVS
WNSGALTSGVHTFPAVLQSSGLYSLSSVVTVPSSSLGTQTYICNVNHKPSNTKVDKKVEPKSC
;
H
2 'polypeptide(L)'
;DIQMTQSPSSLSASVGDRVTITCRASQEISGYLTWLQQKPGKAPKLLIYAASTLDSGVPSRFSGSGSGTDFTLTISSLQP
EDFATYYCLQYTNYPLTFGQGTKLEIKRTVAAPSVFIFPPSDEQLKSGTASVVCLLNNFYPREAKVQWKVDNALQSGNSQ
ESVTEQDSKDSTYSLSSTLTLSKADYEKHKVYACEVTHQGLSSPVTKSFNRGEC
;
L
#
loop_
_chem_comp.id
_chem_comp.type
_chem_comp.name
_chem_comp.formula
ACT non-polymer 'ACETATE ION' 'C2 H3 O2 -1'
EDO non-polymer 1,2-ETHANEDIOL 'C2 H6 O2'
NA non-polymer 'SODIUM ION' 'Na 1'
#
# COMPACT_ATOMS: atom_id res chain seq x y z
N GLN A 1 0.36 6.28 25.54
CA GLN A 1 0.83 6.07 24.17
C GLN A 1 0.01 6.91 23.17
N VAL A 2 0.75 7.69 22.38
CA VAL A 2 0.15 8.64 21.45
C VAL A 2 -0.55 7.89 20.34
N GLN A 3 -1.83 8.21 20.10
CA GLN A 3 -2.60 7.59 19.04
C GLN A 3 -3.45 8.63 18.33
N LEU A 4 -3.47 8.56 17.00
CA LEU A 4 -4.33 9.39 16.16
C LEU A 4 -5.03 8.46 15.18
N GLN A 5 -6.33 8.67 15.00
CA GLN A 5 -7.15 7.76 14.20
C GLN A 5 -8.09 8.59 13.34
N GLU A 6 -7.86 8.58 12.03
CA GLU A 6 -8.75 9.25 11.10
C GLU A 6 -9.97 8.40 10.81
N SER A 7 -11.08 9.09 10.53
CA SER A 7 -12.32 8.45 10.11
C SER A 7 -12.93 9.29 8.99
N GLY A 8 -13.28 8.64 7.87
CA GLY A 8 -13.86 9.32 6.74
C GLY A 8 -14.97 8.53 6.06
N PRO A 9 -15.54 9.09 4.96
CA PRO A 9 -16.71 8.46 4.33
C PRO A 9 -16.38 7.38 3.32
N GLY A 10 -15.15 7.37 2.81
CA GLY A 10 -14.76 6.46 1.74
C GLY A 10 -15.01 7.08 0.38
N LEU A 11 -16.26 7.00 -0.07
CA LEU A 11 -16.71 7.57 -1.32
C LEU A 11 -17.43 8.89 -1.08
N VAL A 12 -17.09 9.92 -1.85
CA VAL A 12 -17.74 11.22 -1.79
C VAL A 12 -18.13 11.64 -3.19
N LYS A 13 -19.40 12.06 -3.39
CA LYS A 13 -19.82 12.53 -4.71
C LYS A 13 -19.24 13.91 -5.01
N PRO A 14 -18.90 14.19 -6.27
CA PRO A 14 -18.30 15.49 -6.62
C PRO A 14 -19.19 16.65 -6.21
N SER A 15 -18.53 17.78 -5.89
CA SER A 15 -19.14 19.05 -5.50
C SER A 15 -19.75 18.99 -4.11
N GLU A 16 -19.79 17.81 -3.50
CA GLU A 16 -20.22 17.74 -2.11
C GLU A 16 -19.07 18.05 -1.16
N THR A 17 -19.36 18.10 0.13
CA THR A 17 -18.39 18.43 1.14
C THR A 17 -17.85 17.18 1.82
N LEU A 18 -16.52 17.04 1.81
CA LEU A 18 -15.84 15.98 2.53
C LEU A 18 -15.71 16.33 4.00
N SER A 19 -16.01 15.37 4.88
CA SER A 19 -16.02 15.59 6.32
C SER A 19 -15.20 14.50 6.99
N LEU A 20 -14.10 14.88 7.64
CA LEU A 20 -13.18 13.95 8.28
C LEU A 20 -13.00 14.27 9.75
N THR A 21 -12.88 13.25 10.58
CA THR A 21 -12.49 13.45 11.97
C THR A 21 -11.20 12.69 12.26
N CYS A 22 -10.46 13.18 13.24
CA CYS A 22 -9.23 12.58 13.72
C CYS A 22 -9.40 12.46 15.22
N THR A 23 -9.39 11.24 15.75
CA THR A 23 -9.61 11.03 17.18
C THR A 23 -8.29 10.69 17.85
N VAL A 24 -7.98 11.39 18.93
CA VAL A 24 -6.66 11.31 19.52
C VAL A 24 -6.74 10.85 20.97
N SER A 25 -5.63 10.31 21.44
CA SER A 25 -5.48 9.90 22.83
CA SER A 25 -5.48 9.90 22.83
C SER A 25 -4.01 9.83 23.16
N GLY A 26 -3.70 9.93 24.45
CA GLY A 26 -2.34 9.79 24.92
C GLY A 26 -1.54 11.05 25.03
N PHE A 27 -2.13 12.23 24.81
CA PHE A 27 -1.40 13.47 24.95
C PHE A 27 -2.37 14.59 25.25
N SER A 28 -1.83 15.72 25.72
CA SER A 28 -2.62 16.84 26.21
C SER A 28 -3.01 17.76 25.07
N LEU A 29 -4.32 17.95 24.88
CA LEU A 29 -4.81 18.89 23.88
C LEU A 29 -4.60 20.34 24.28
N THR A 30 -4.05 20.60 25.44
CA THR A 30 -3.61 21.95 25.77
C THR A 30 -2.18 22.21 25.30
N SER A 31 -1.45 21.17 24.86
CA SER A 31 -0.07 21.32 24.40
C SER A 31 0.16 20.92 22.95
N TYR A 32 -0.77 20.19 22.33
CA TYR A 32 -0.58 19.72 20.96
C TYR A 32 -1.81 20.05 20.14
N GLY A 33 -1.59 20.11 18.83
CA GLY A 33 -2.69 20.21 17.90
C GLY A 33 -2.53 19.13 16.84
N VAL A 34 -3.11 19.32 15.66
CA VAL A 34 -2.90 18.39 14.56
C VAL A 34 -2.69 19.17 13.28
N HIS A 35 -1.84 18.64 12.41
CA HIS A 35 -1.84 18.97 11.00
C HIS A 35 -2.76 18.03 10.24
N TRP A 36 -3.24 18.51 9.09
CA TRP A 36 -3.89 17.68 8.09
C TRP A 36 -3.03 17.68 6.84
N ILE A 37 -2.72 16.48 6.35
CA ILE A 37 -1.93 16.26 5.16
C ILE A 37 -2.71 15.31 4.28
N ARG A 38 -2.51 15.40 2.97
CA ARG A 38 -3.10 14.40 2.10
C ARG A 38 -2.06 13.93 1.10
N GLN A 39 -2.35 12.79 0.50
CA GLN A 39 -1.47 12.15 -0.47
C GLN A 39 -2.34 11.51 -1.54
N PRO A 40 -2.42 12.12 -2.72
CA PRO A 40 -3.07 11.45 -3.83
C PRO A 40 -2.39 10.12 -4.09
N PRO A 41 -3.13 9.06 -4.42
CA PRO A 41 -2.50 7.75 -4.64
C PRO A 41 -1.33 7.81 -5.62
N GLY A 42 -0.17 7.32 -5.17
CA GLY A 42 1.02 7.29 -5.99
C GLY A 42 1.80 8.59 -6.07
N LYS A 43 1.38 9.62 -5.36
CA LYS A 43 2.00 10.93 -5.47
C LYS A 43 2.60 11.32 -4.12
N GLY A 44 3.08 12.55 -4.03
CA GLY A 44 3.71 13.04 -2.83
C GLY A 44 2.69 13.55 -1.84
N LEU A 45 3.18 14.31 -0.86
CA LEU A 45 2.39 14.79 0.26
C LEU A 45 2.12 16.27 0.12
N GLU A 46 0.95 16.69 0.57
CA GLU A 46 0.53 18.09 0.49
C GLU A 46 -0.09 18.47 1.82
N TRP A 47 0.55 19.42 2.50
CA TRP A 47 0.05 19.94 3.77
C TRP A 47 -1.21 20.76 3.54
N ILE A 48 -2.26 20.49 4.32
CA ILE A 48 -3.54 21.16 4.16
C ILE A 48 -3.70 22.32 5.14
N GLY A 49 -3.23 22.13 6.37
CA GLY A 49 -3.44 23.12 7.40
C GLY A 49 -3.13 22.53 8.76
N VAL A 50 -3.23 23.38 9.77
CA VAL A 50 -2.92 22.99 11.15
C VAL A 50 -3.84 23.76 12.09
N ILE A 51 -4.28 23.10 13.15
CA ILE A 51 -4.93 23.76 14.27
C ILE A 51 -4.06 23.56 15.50
N TRP A 52 -3.81 24.67 16.22
CA TRP A 52 -2.87 24.70 17.34
C TRP A 52 -3.60 24.58 18.67
N ALA A 53 -2.83 24.32 19.71
CA ALA A 53 -3.40 23.98 21.02
C ALA A 53 -4.35 25.09 21.52
N GLY A 54 -4.03 26.34 21.23
CA GLY A 54 -4.92 27.40 21.65
C GLY A 54 -6.06 27.73 20.71
N GLY A 55 -6.22 26.99 19.62
CA GLY A 55 -7.27 27.28 18.65
C GLY A 55 -6.83 28.05 17.43
N SER A 56 -5.57 28.52 17.38
CA SER A 56 -5.07 29.22 16.20
C SER A 56 -4.98 28.26 15.00
N ILE A 57 -5.38 28.74 13.83
CA ILE A 57 -5.43 27.92 12.61
C ILE A 57 -4.56 28.55 11.53
N ASN A 58 -3.83 27.71 10.80
CA ASN A 58 -3.06 28.13 9.64
C ASN A 58 -3.41 27.23 8.47
N TYR A 59 -3.61 27.84 7.32
CA TYR A 59 -4.09 27.12 6.15
C TYR A 59 -3.05 27.10 5.05
N ASN A 60 -3.07 26.03 4.27
CA ASN A 60 -2.49 26.08 2.94
C ASN A 60 -3.36 27.01 2.11
N SER A 61 -2.81 28.15 1.68
CA SER A 61 -3.64 29.17 1.05
C SER A 61 -4.23 28.70 -0.27
N ALA A 62 -3.65 27.66 -0.89
CA ALA A 62 -4.22 27.12 -2.12
C ALA A 62 -5.59 26.50 -1.88
N LEU A 63 -5.81 25.93 -0.71
CA LEU A 63 -7.05 25.26 -0.36
C LEU A 63 -7.90 26.02 0.63
N MET A 64 -7.39 27.14 1.16
CA MET A 64 -7.98 27.81 2.32
C MET A 64 -9.47 28.11 2.11
N SER A 65 -9.86 28.51 0.90
CA SER A 65 -11.25 28.92 0.71
C SER A 65 -12.22 27.76 0.85
N ARG A 66 -11.75 26.52 0.73
CA ARG A 66 -12.63 25.36 0.83
C ARG A 66 -12.44 24.59 2.12
N VAL A 67 -11.49 24.97 2.95
CA VAL A 67 -11.08 24.18 4.11
C VAL A 67 -11.70 24.78 5.35
N THR A 68 -12.20 23.91 6.23
CA THR A 68 -12.61 24.30 7.58
C THR A 68 -12.03 23.31 8.57
N ILE A 69 -11.32 23.82 9.59
CA ILE A 69 -10.66 23.00 10.61
C ILE A 69 -11.18 23.40 11.98
N SER A 70 -11.44 22.41 12.83
CA SER A 70 -11.94 22.67 14.17
C SER A 70 -11.53 21.56 15.12
N VAL A 71 -11.78 21.80 16.42
CA VAL A 71 -11.52 20.86 17.51
C VAL A 71 -12.76 20.77 18.38
N ASP A 72 -12.99 19.58 18.92
CA ASP A 72 -13.94 19.37 20.01
C ASP A 72 -13.15 18.65 21.11
N THR A 73 -12.65 19.41 22.08
CA THR A 73 -11.79 18.82 23.10
C THR A 73 -12.52 17.85 24.01
N SER A 74 -13.85 17.98 24.12
CA SER A 74 -14.60 17.01 24.91
C SER A 74 -14.62 15.64 24.26
N LYS A 75 -14.58 15.58 22.93
CA LYS A 75 -14.55 14.31 22.22
C LYS A 75 -13.13 13.85 21.91
N ASN A 76 -12.11 14.66 22.19
CA ASN A 76 -10.73 14.36 21.80
C ASN A 76 -10.64 14.13 20.29
N GLN A 77 -11.39 14.92 19.52
CA GLN A 77 -11.39 14.73 18.08
C GLN A 77 -11.25 16.08 17.36
N PHE A 78 -10.43 16.08 16.32
CA PHE A 78 -10.29 17.20 15.42
C PHE A 78 -11.06 16.89 14.14
N SER A 79 -11.37 17.93 13.38
CA SER A 79 -12.09 17.69 12.15
C SER A 79 -11.59 18.59 11.04
N LEU A 80 -11.78 18.10 9.81
CA LEU A 80 -11.48 18.81 8.58
C LEU A 80 -12.69 18.70 7.68
N LYS A 81 -13.13 19.83 7.14
CA LYS A 81 -14.16 19.86 6.10
C LYS A 81 -13.53 20.40 4.82
N LEU A 82 -13.73 19.71 3.72
CA LEU A 82 -13.29 20.17 2.41
C LEU A 82 -14.52 20.24 1.51
N SER A 83 -14.90 21.45 1.11
CA SER A 83 -16.12 21.64 0.33
C SER A 83 -15.83 21.58 -1.18
N SER A 84 -16.91 21.46 -1.96
CA SER A 84 -16.88 21.42 -3.43
C SER A 84 -15.81 20.47 -3.99
N VAL A 85 -15.79 19.22 -3.51
CA VAL A 85 -14.69 18.32 -3.87
C VAL A 85 -14.81 17.88 -5.33
N THR A 86 -13.66 17.59 -5.94
CA THR A 86 -13.56 17.03 -7.29
C THR A 86 -12.59 15.85 -7.26
N ALA A 87 -12.44 15.19 -8.42
CA ALA A 87 -11.47 14.10 -8.51
C ALA A 87 -10.07 14.54 -8.12
N ALA A 88 -9.76 15.84 -8.19
CA ALA A 88 -8.46 16.30 -7.73
C ALA A 88 -8.27 16.10 -6.24
N ASP A 89 -9.34 15.86 -5.48
CA ASP A 89 -9.25 15.74 -4.04
C ASP A 89 -9.23 14.30 -3.57
N THR A 90 -9.32 13.34 -4.48
CA THR A 90 -9.08 11.94 -4.17
C THR A 90 -7.67 11.77 -3.60
N ALA A 91 -7.58 11.23 -2.38
CA ALA A 91 -6.29 11.09 -1.72
C ALA A 91 -6.48 10.35 -0.41
N VAL A 92 -5.36 9.89 0.14
CA VAL A 92 -5.33 9.47 1.54
C VAL A 92 -5.15 10.72 2.41
N TYR A 93 -6.03 10.88 3.39
CA TYR A 93 -5.97 12.02 4.29
C TYR A 93 -5.43 11.56 5.64
N TYR A 94 -4.34 12.20 6.07
CA TYR A 94 -3.69 11.93 7.35
C TYR A 94 -3.87 13.13 8.28
N CYS A 95 -3.94 12.85 9.57
CA CYS A 95 -3.67 13.86 10.58
C CYS A 95 -2.38 13.51 11.30
N ALA A 96 -1.65 14.53 11.75
CA ALA A 96 -0.40 14.32 12.45
C ALA A 96 -0.27 15.33 13.58
N ARG A 97 0.28 14.88 14.71
CA ARG A 97 0.37 15.71 15.89
C ARG A 97 1.25 16.94 15.64
N ALA A 98 0.81 18.08 16.15
CA ALA A 98 1.44 19.37 15.92
C ALA A 98 1.97 19.95 17.22
N TYR A 99 3.20 20.48 17.18
CA TYR A 99 3.80 21.21 18.28
C TYR A 99 4.72 22.28 17.71
N GLY A 100 5.01 23.27 18.53
CA GLY A 100 5.92 24.32 18.10
C GLY A 100 5.55 25.66 18.71
N ASP A 101 6.17 26.69 18.15
CA ASP A 101 5.93 28.08 18.55
C ASP A 101 5.59 28.91 17.32
N TYR A 102 6.24 30.06 17.18
CA TYR A 102 6.00 30.96 16.06
C TYR A 102 7.10 30.94 15.02
N VAL A 103 8.18 30.20 15.27
CA VAL A 103 9.28 30.07 14.32
C VAL A 103 9.36 28.66 13.71
N HIS A 104 8.96 27.63 14.45
CA HIS A 104 8.92 26.27 13.93
C HIS A 104 7.56 25.64 14.20
N TYR A 105 7.08 24.87 13.23
CA TYR A 105 5.75 24.27 13.22
C TYR A 105 5.92 22.77 12.98
N ALA A 106 6.41 22.06 13.99
CA ALA A 106 6.83 20.67 13.86
C ALA A 106 5.64 19.69 13.89
N MET A 107 5.93 18.45 13.45
CA MET A 107 4.95 17.37 13.47
C MET A 107 5.68 16.05 13.69
N ASP A 108 5.10 15.17 14.51
CA ASP A 108 5.82 13.93 14.77
C ASP A 108 4.99 12.69 14.43
N TYR A 109 3.91 12.43 15.15
CA TYR A 109 3.18 11.16 15.01
C TYR A 109 2.00 11.31 14.05
N TRP A 110 1.91 10.43 13.07
CA TRP A 110 0.82 10.42 12.11
C TRP A 110 -0.17 9.31 12.46
N GLY A 111 -1.44 9.52 12.09
CA GLY A 111 -2.40 8.44 12.03
C GLY A 111 -2.17 7.62 10.78
N GLN A 112 -2.98 6.56 10.60
CA GLN A 112 -2.71 5.69 9.46
C GLN A 112 -3.36 6.17 8.17
N GLY A 113 -4.17 7.22 8.21
CA GLY A 113 -4.73 7.75 6.98
C GLY A 113 -6.02 7.06 6.57
N THR A 114 -6.85 7.81 5.85
CA THR A 114 -8.11 7.30 5.32
C THR A 114 -8.22 7.73 3.85
N LEU A 115 -8.57 6.78 2.99
CA LEU A 115 -8.63 7.02 1.55
C LEU A 115 -9.99 7.59 1.18
N VAL A 116 -10.00 8.79 0.63
CA VAL A 116 -11.22 9.42 0.13
C VAL A 116 -11.19 9.36 -1.39
N THR A 117 -12.20 8.72 -1.98
CA THR A 117 -12.35 8.66 -3.42
C THR A 117 -13.53 9.52 -3.82
N VAL A 118 -13.29 10.47 -4.70
CA VAL A 118 -14.33 11.37 -5.21
C VAL A 118 -14.82 10.82 -6.55
N SER A 119 -16.09 10.42 -6.60
CA SER A 119 -16.64 9.73 -7.77
C SER A 119 -18.14 9.94 -7.86
N SER A 120 -18.66 10.09 -9.09
CA SER A 120 -20.09 10.06 -9.32
C SER A 120 -20.69 8.65 -9.14
N ALA A 121 -19.87 7.62 -9.33
CA ALA A 121 -20.34 6.25 -9.36
C ALA A 121 -20.75 5.78 -7.97
N SER A 122 -21.49 4.69 -7.94
CA SER A 122 -21.97 4.17 -6.68
C SER A 122 -21.08 3.03 -6.20
N THR A 123 -21.07 2.83 -4.90
CA THR A 123 -20.18 1.86 -4.28
C THR A 123 -20.63 0.44 -4.62
N LYS A 124 -19.67 -0.49 -4.66
CA LYS A 124 -19.97 -1.89 -4.93
C LYS A 124 -19.05 -2.81 -4.12
N GLY A 125 -19.66 -3.72 -3.36
CA GLY A 125 -18.93 -4.66 -2.54
C GLY A 125 -18.33 -5.80 -3.36
N PRO A 126 -17.24 -6.40 -2.87
CA PRO A 126 -16.55 -7.42 -3.65
C PRO A 126 -17.20 -8.79 -3.54
N SER A 127 -16.93 -9.61 -4.55
CA SER A 127 -17.17 -11.04 -4.51
C SER A 127 -15.85 -11.73 -4.16
N VAL A 128 -15.90 -12.63 -3.19
CA VAL A 128 -14.69 -13.29 -2.70
C VAL A 128 -14.74 -14.76 -3.11
N PHE A 129 -13.72 -15.20 -3.83
CA PHE A 129 -13.65 -16.57 -4.32
C PHE A 129 -12.41 -17.25 -3.78
N PRO A 130 -12.49 -18.55 -3.47
CA PRO A 130 -11.30 -19.26 -3.01
C PRO A 130 -10.30 -19.54 -4.12
N LEU A 131 -9.02 -19.42 -3.76
CA LEU A 131 -7.93 -19.97 -4.57
C LEU A 131 -7.47 -21.23 -3.84
N ALA A 132 -7.91 -22.38 -4.32
CA ALA A 132 -7.79 -23.59 -3.53
C ALA A 132 -6.38 -24.17 -3.60
N PRO A 133 -5.81 -24.59 -2.48
CA PRO A 133 -4.53 -25.31 -2.55
C PRO A 133 -4.71 -26.72 -3.10
N SER A 134 -3.69 -27.19 -3.80
CA SER A 134 -3.67 -28.52 -4.40
C SER A 134 -2.21 -28.86 -4.67
N SER A 135 -1.98 -30.04 -5.25
CA SER A 135 -0.62 -30.38 -5.67
C SER A 135 -0.08 -29.36 -6.65
N LYS A 136 -0.95 -28.74 -7.45
CA LYS A 136 -0.60 -27.69 -8.39
C LYS A 136 -0.18 -26.39 -7.70
N SER A 137 -0.43 -26.25 -6.41
CA SER A 137 0.07 -25.10 -5.66
C SER A 137 1.00 -25.55 -4.53
N THR A 138 1.62 -26.72 -4.68
CA THR A 138 2.48 -27.29 -3.65
C THR A 138 3.87 -27.54 -4.22
N SER A 139 4.89 -27.03 -3.52
CA SER A 139 6.31 -27.31 -3.80
C SER A 139 6.91 -27.90 -2.54
N GLY A 140 7.10 -29.22 -2.53
CA GLY A 140 7.67 -29.90 -1.38
C GLY A 140 6.75 -29.85 -0.18
N GLY A 141 7.22 -29.23 0.90
CA GLY A 141 6.47 -29.08 2.13
C GLY A 141 5.67 -27.80 2.23
N THR A 142 5.62 -27.01 1.16
CA THR A 142 4.95 -25.72 1.16
C THR A 142 3.79 -25.74 0.17
N ALA A 143 2.63 -25.26 0.61
CA ALA A 143 1.48 -25.10 -0.25
C ALA A 143 1.01 -23.64 -0.21
N ALA A 144 0.50 -23.15 -1.33
CA ALA A 144 -0.01 -21.79 -1.43
C ALA A 144 -1.51 -21.84 -1.54
N LEU A 145 -2.17 -20.88 -0.90
CA LEU A 145 -3.61 -20.78 -1.02
C LEU A 145 -3.97 -19.30 -0.99
N GLY A 146 -5.22 -18.98 -1.31
CA GLY A 146 -5.55 -17.58 -1.34
C GLY A 146 -7.01 -17.30 -1.54
N CYS A 147 -7.29 -16.00 -1.71
CA CYS A 147 -8.62 -15.44 -1.94
C CYS A 147 -8.54 -14.45 -3.09
N LEU A 148 -9.41 -14.63 -4.08
CA LEU A 148 -9.62 -13.64 -5.13
C LEU A 148 -10.76 -12.71 -4.71
N VAL A 149 -10.48 -11.41 -4.65
CA VAL A 149 -11.43 -10.40 -4.17
C VAL A 149 -11.73 -9.48 -5.34
N LYS A 150 -12.93 -9.60 -5.88
CA LYS A 150 -13.20 -9.22 -7.26
C LYS A 150 -14.37 -8.25 -7.36
N ASP A 151 -14.24 -7.25 -8.23
CA ASP A 151 -15.36 -6.42 -8.67
C ASP A 151 -15.90 -5.55 -7.54
N TYR A 152 -15.03 -4.72 -6.98
CA TYR A 152 -15.46 -3.75 -5.96
C TYR A 152 -15.03 -2.35 -6.38
N PHE A 153 -15.69 -1.35 -5.75
CA PHE A 153 -15.40 0.06 -5.94
C PHE A 153 -16.00 0.84 -4.77
N PRO A 154 -15.26 1.80 -4.19
CA PRO A 154 -13.88 2.19 -4.51
C PRO A 154 -12.90 1.38 -3.69
N GLU A 155 -11.61 1.67 -3.84
CA GLU A 155 -10.62 1.21 -2.90
C GLU A 155 -10.93 1.79 -1.52
N PRO A 156 -10.42 1.17 -0.43
CA PRO A 156 -9.65 -0.07 -0.35
C PRO A 156 -10.45 -1.22 0.20
N VAL A 157 -9.90 -2.43 0.14
CA VAL A 157 -10.34 -3.58 0.91
C VAL A 157 -9.17 -3.99 1.78
N THR A 158 -9.47 -4.47 2.99
CA THR A 158 -8.46 -5.07 3.85
C THR A 158 -8.68 -6.57 3.90
N VAL A 159 -7.59 -7.33 4.01
CA VAL A 159 -7.64 -8.79 4.03
C VAL A 159 -6.76 -9.29 5.16
N SER A 160 -7.35 -10.04 6.09
CA SER A 160 -6.59 -10.80 7.05
C SER A 160 -6.88 -12.28 6.86
N TRP A 161 -6.07 -13.11 7.49
CA TRP A 161 -6.21 -14.55 7.42
C TRP A 161 -6.43 -15.10 8.82
N ASN A 162 -7.48 -15.91 8.98
CA ASN A 162 -7.79 -16.54 10.25
C ASN A 162 -7.87 -15.50 11.37
N SER A 163 -8.55 -14.39 11.06
CA SER A 163 -8.84 -13.32 12.01
C SER A 163 -7.57 -12.67 12.55
N GLY A 164 -6.48 -12.68 11.78
CA GLY A 164 -5.23 -12.06 12.17
C GLY A 164 -4.19 -13.01 12.74
N ALA A 165 -4.54 -14.28 12.97
CA ALA A 165 -3.61 -15.26 13.51
C ALA A 165 -2.61 -15.78 12.49
N LEU A 166 -2.92 -15.66 11.21
CA LEU A 166 -2.02 -16.08 10.14
C LEU A 166 -1.52 -14.80 9.47
N THR A 167 -0.27 -14.42 9.76
CA THR A 167 0.37 -13.27 9.12
C THR A 167 1.64 -13.63 8.37
N SER A 168 2.34 -14.68 8.77
CA SER A 168 3.59 -15.06 8.12
C SER A 168 3.33 -15.58 6.71
N GLY A 169 4.03 -15.01 5.73
CA GLY A 169 3.90 -15.49 4.37
C GLY A 169 2.67 -15.01 3.62
N VAL A 170 2.04 -13.92 4.08
CA VAL A 170 0.88 -13.36 3.41
C VAL A 170 1.35 -12.32 2.40
N HIS A 171 0.85 -12.40 1.17
CA HIS A 171 1.02 -11.35 0.17
C HIS A 171 -0.36 -10.92 -0.28
N THR A 172 -0.71 -9.66 -0.05
CA THR A 172 -1.95 -9.10 -0.58
C THR A 172 -1.57 -8.16 -1.71
N PHE A 173 -1.90 -8.56 -2.93
CA PHE A 173 -1.41 -7.85 -4.08
C PHE A 173 -2.09 -6.49 -4.18
N PRO A 174 -1.42 -5.51 -4.79
CA PRO A 174 -2.08 -4.24 -5.09
C PRO A 174 -3.26 -4.47 -6.02
N ALA A 175 -4.32 -3.70 -5.82
CA ALA A 175 -5.51 -3.86 -6.65
C ALA A 175 -5.25 -3.42 -8.08
N VAL A 176 -5.97 -4.05 -8.99
CA VAL A 176 -5.85 -3.80 -10.42
C VAL A 176 -7.22 -3.40 -10.93
N LEU A 177 -7.26 -2.43 -11.86
CA LEU A 177 -8.51 -2.07 -12.51
C LEU A 177 -8.84 -3.09 -13.58
N GLN A 178 -10.10 -3.43 -13.67
CA GLN A 178 -10.61 -4.26 -14.76
C GLN A 178 -11.27 -3.34 -15.78
N SER A 179 -11.51 -3.88 -16.97
CA SER A 179 -12.07 -3.03 -18.01
C SER A 179 -13.49 -2.60 -17.70
N SER A 180 -14.14 -3.28 -16.74
CA SER A 180 -15.44 -2.87 -16.22
C SER A 180 -15.37 -1.63 -15.35
N GLY A 181 -14.18 -1.21 -14.93
CA GLY A 181 -14.04 -0.08 -14.04
C GLY A 181 -14.03 -0.43 -12.58
N LEU A 182 -14.04 -1.72 -12.23
CA LEU A 182 -14.03 -2.19 -10.86
C LEU A 182 -12.67 -2.78 -10.53
N TYR A 183 -12.30 -2.74 -9.26
CA TYR A 183 -11.01 -3.24 -8.82
C TYR A 183 -11.09 -4.74 -8.54
N SER A 184 -9.91 -5.35 -8.45
CA SER A 184 -9.75 -6.77 -8.18
C SER A 184 -8.37 -6.99 -7.59
N LEU A 185 -8.28 -7.82 -6.57
CA LEU A 185 -6.99 -8.20 -6.02
C LEU A 185 -7.04 -9.63 -5.53
N SER A 186 -5.86 -10.14 -5.19
CA SER A 186 -5.70 -11.45 -4.59
C SER A 186 -4.88 -11.33 -3.31
N SER A 187 -5.25 -12.14 -2.32
CA SER A 187 -4.43 -12.36 -1.15
C SER A 187 -4.02 -13.82 -1.13
N VAL A 188 -2.72 -14.07 -1.03
CA VAL A 188 -2.18 -15.42 -0.99
C VAL A 188 -1.34 -15.56 0.26
N VAL A 189 -1.16 -16.80 0.68
CA VAL A 189 -0.33 -17.15 1.83
C VAL A 189 0.20 -18.55 1.61
N THR A 190 1.47 -18.77 1.95
CA THR A 190 2.06 -20.10 1.91
C THR A 190 2.01 -20.72 3.30
N VAL A 191 1.61 -21.99 3.37
CA VAL A 191 1.41 -22.68 4.63
C VAL A 191 2.05 -24.05 4.49
N PRO A 192 2.19 -24.84 5.57
CA PRO A 192 2.77 -26.19 5.40
C PRO A 192 1.79 -27.09 4.66
N SER A 193 2.31 -27.80 3.66
CA SER A 193 1.44 -28.59 2.80
C SER A 193 0.84 -29.78 3.54
N SER A 194 1.39 -30.16 4.69
CA SER A 194 0.79 -31.23 5.49
C SER A 194 -0.36 -30.74 6.35
N SER A 195 -0.65 -29.44 6.37
CA SER A 195 -1.67 -28.89 7.26
C SER A 195 -3.04 -28.76 6.59
N LEU A 196 -3.15 -29.13 5.31
CA LEU A 196 -4.38 -28.91 4.55
C LEU A 196 -5.57 -29.71 5.06
N GLY A 197 -5.35 -30.82 5.76
CA GLY A 197 -6.43 -31.56 6.34
C GLY A 197 -6.62 -31.37 7.83
N THR A 198 -5.84 -30.48 8.45
CA THR A 198 -5.92 -30.27 9.89
C THR A 198 -6.10 -28.81 10.31
N GLN A 199 -5.82 -27.84 9.44
CA GLN A 199 -5.95 -26.43 9.76
C GLN A 199 -6.91 -25.78 8.78
N THR A 200 -7.94 -25.10 9.31
CA THR A 200 -8.86 -24.35 8.46
C THR A 200 -8.27 -23.00 8.10
N TYR A 201 -8.43 -22.60 6.84
CA TYR A 201 -7.93 -21.31 6.37
C TYR A 201 -9.09 -20.47 5.87
N ILE A 202 -9.23 -19.28 6.45
CA ILE A 202 -10.35 -18.38 6.20
C ILE A 202 -9.74 -17.02 5.95
N CYS A 203 -10.05 -16.43 4.80
CA CYS A 203 -9.67 -15.04 4.59
C CYS A 203 -10.82 -14.14 5.01
N ASN A 204 -10.47 -13.02 5.62
CA ASN A 204 -11.44 -12.06 6.14
C ASN A 204 -11.29 -10.81 5.28
N VAL A 205 -12.31 -10.51 4.50
CA VAL A 205 -12.32 -9.38 3.60
C VAL A 205 -13.25 -8.33 4.17
N ASN A 206 -12.77 -7.09 4.25
CA ASN A 206 -13.59 -5.98 4.72
C ASN A 206 -13.51 -4.86 3.68
N HIS A 207 -14.65 -4.52 3.10
CA HIS A 207 -14.76 -3.39 2.19
C HIS A 207 -15.63 -2.34 2.88
N LYS A 208 -15.00 -1.44 3.62
CA LYS A 208 -15.74 -0.44 4.39
C LYS A 208 -16.65 0.45 3.56
N PRO A 209 -16.26 0.96 2.37
CA PRO A 209 -17.18 1.85 1.63
C PRO A 209 -18.54 1.25 1.34
N SER A 210 -18.65 -0.07 1.22
CA SER A 210 -19.93 -0.72 0.98
C SER A 210 -20.46 -1.45 2.22
N ASN A 211 -19.81 -1.27 3.37
CA ASN A 211 -20.17 -1.97 4.61
C ASN A 211 -20.36 -3.46 4.36
N THR A 212 -19.37 -4.06 3.68
CA THR A 212 -19.36 -5.47 3.32
C THR A 212 -18.23 -6.16 4.07
N LYS A 213 -18.57 -7.21 4.81
CA LYS A 213 -17.60 -8.03 5.52
C LYS A 213 -17.83 -9.48 5.14
N VAL A 214 -16.85 -10.09 4.47
CA VAL A 214 -16.93 -11.46 4.02
C VAL A 214 -15.83 -12.27 4.69
N ASP A 215 -16.19 -13.44 5.20
CA ASP A 215 -15.23 -14.46 5.64
C ASP A 215 -15.45 -15.66 4.74
N LYS A 216 -14.42 -16.07 4.01
CA LYS A 216 -14.50 -17.18 3.07
C LYS A 216 -13.54 -18.28 3.52
N LYS A 217 -14.06 -19.49 3.74
CA LYS A 217 -13.22 -20.64 3.99
C LYS A 217 -12.61 -21.11 2.68
N VAL A 218 -11.32 -21.39 2.68
CA VAL A 218 -10.60 -21.85 1.49
C VAL A 218 -10.32 -23.34 1.66
N GLU A 219 -11.04 -24.17 0.95
CA GLU A 219 -10.86 -25.60 1.06
C GLU A 219 -9.94 -26.13 -0.05
N PRO A 220 -9.18 -27.19 0.21
CA PRO A 220 -8.27 -27.72 -0.81
C PRO A 220 -9.03 -28.33 -1.99
N LYS A 221 -8.32 -28.50 -3.09
CA LYS A 221 -8.76 -29.30 -4.21
C LYS A 221 -7.89 -30.55 -4.29
N SER A 222 -8.25 -31.44 -5.20
CA SER A 222 -7.71 -32.80 -5.23
C SER A 222 -6.71 -33.05 -6.36
N CYS A 223 -6.44 -32.08 -7.21
CA CYS A 223 -5.53 -32.34 -8.32
C CYS A 223 -4.09 -32.25 -7.86
N ASP B 1 5.75 30.03 -1.15
CA ASP B 1 6.05 28.62 -0.95
C ASP B 1 7.55 28.38 -1.10
N ILE B 2 8.09 27.55 -0.21
CA ILE B 2 9.46 27.09 -0.32
C ILE B 2 9.43 25.76 -1.07
N GLN B 3 10.12 25.70 -2.20
CA GLN B 3 10.18 24.48 -3.00
C GLN B 3 11.29 23.60 -2.46
N MET B 4 10.95 22.35 -2.15
CA MET B 4 11.89 21.37 -1.63
C MET B 4 12.25 20.41 -2.76
N THR B 5 13.51 20.34 -3.11
CA THR B 5 13.96 19.55 -4.25
C THR B 5 14.79 18.39 -3.74
N GLN B 6 14.30 17.19 -3.94
CA GLN B 6 14.98 15.99 -3.49
C GLN B 6 15.73 15.37 -4.66
N SER B 7 16.87 14.75 -4.33
CA SER B 7 17.61 14.05 -5.36
C SER B 7 18.37 12.90 -4.73
N PRO B 8 18.38 11.72 -5.37
CA PRO B 8 17.73 11.41 -6.66
C PRO B 8 16.26 11.10 -6.44
N SER B 9 15.40 10.97 -7.46
CA SER B 9 14.00 10.63 -7.20
C SER B 9 13.84 9.13 -6.92
N SER B 10 14.71 8.30 -7.48
CA SER B 10 14.79 6.89 -7.14
C SER B 10 16.26 6.54 -7.00
N LEU B 11 16.52 5.36 -6.44
CA LEU B 11 17.86 5.03 -5.97
C LEU B 11 17.88 3.54 -5.63
N SER B 12 18.84 2.82 -6.20
CA SER B 12 18.98 1.40 -5.90
C SER B 12 20.35 1.17 -5.27
N ALA B 13 20.38 0.33 -4.24
CA ALA B 13 21.63 0.07 -3.54
C ALA B 13 21.57 -1.32 -2.93
N SER B 14 22.75 -1.86 -2.63
CA SER B 14 22.87 -3.17 -2.02
C SER B 14 22.82 -3.06 -0.50
N VAL B 15 22.44 -4.18 0.14
CA VAL B 15 22.49 -4.24 1.59
C VAL B 15 23.93 -4.02 2.03
N GLY B 16 24.12 -3.15 3.02
CA GLY B 16 25.43 -2.80 3.53
C GLY B 16 26.01 -1.53 2.96
N ASP B 17 25.50 -1.06 1.83
CA ASP B 17 26.00 0.15 1.20
C ASP B 17 25.66 1.40 2.02
N ARG B 18 26.47 2.43 1.83
CA ARG B 18 26.12 3.77 2.30
C ARG B 18 25.33 4.48 1.21
N VAL B 19 24.18 5.04 1.58
CA VAL B 19 23.36 5.76 0.61
C VAL B 19 23.15 7.17 1.13
N THR B 20 23.08 8.11 0.20
CA THR B 20 22.96 9.54 0.49
C THR B 20 21.79 10.11 -0.32
N ILE B 21 20.88 10.80 0.36
CA ILE B 21 19.76 11.49 -0.26
C ILE B 21 19.86 12.96 0.13
N THR B 22 19.75 13.86 -0.85
CA THR B 22 19.86 15.29 -0.57
C THR B 22 18.54 16.00 -0.81
N CYS B 23 18.36 17.11 -0.09
CA CYS B 23 17.21 17.99 -0.20
C CYS B 23 17.75 19.40 -0.32
N ARG B 24 17.23 20.16 -1.29
CA ARG B 24 17.58 21.56 -1.46
C ARG B 24 16.33 22.40 -1.32
N ALA B 25 16.43 23.47 -0.53
CA ALA B 25 15.32 24.38 -0.29
C ALA B 25 15.54 25.66 -1.09
N SER B 26 14.45 26.19 -1.68
CA SER B 26 14.59 27.38 -2.48
C SER B 26 14.95 28.60 -1.65
N GLN B 27 14.77 28.52 -0.33
CA GLN B 27 15.09 29.58 0.60
C GLN B 27 15.71 28.97 1.85
N GLU B 28 16.45 29.79 2.59
CA GLU B 28 17.06 29.35 3.83
C GLU B 28 15.97 28.97 4.84
N ILE B 29 16.05 27.76 5.35
CA ILE B 29 15.09 27.27 6.33
C ILE B 29 15.75 27.07 7.69
N SER B 30 16.88 27.74 7.93
CA SER B 30 17.73 27.51 9.09
C SER B 30 17.96 26.02 9.26
N GLY B 31 17.53 25.43 10.38
CA GLY B 31 17.65 24.01 10.59
C GLY B 31 16.34 23.26 10.66
N TYR B 32 15.22 23.88 10.30
CA TYR B 32 13.91 23.27 10.48
C TYR B 32 13.63 22.38 9.28
N LEU B 33 14.26 21.21 9.29
CA LEU B 33 14.17 20.22 8.23
C LEU B 33 13.97 18.86 8.88
N THR B 34 12.91 18.17 8.50
CA THR B 34 12.58 16.85 9.01
C THR B 34 12.66 15.85 7.88
N TRP B 35 13.12 14.64 8.18
CA TRP B 35 13.16 13.53 7.24
C TRP B 35 12.16 12.47 7.66
N LEU B 36 11.37 11.99 6.70
CA LEU B 36 10.30 11.03 6.94
C LEU B 36 10.53 9.76 6.13
N GLN B 37 10.10 8.63 6.69
CA GLN B 37 10.18 7.35 6.00
C GLN B 37 8.77 6.80 5.78
N GLN B 38 8.45 6.46 4.54
CA GLN B 38 7.14 5.89 4.25
C GLN B 38 7.32 4.53 3.60
N LYS B 39 6.98 3.48 4.34
CA LYS B 39 6.95 2.13 3.84
C LYS B 39 5.63 1.88 3.12
N PRO B 40 5.60 0.95 2.17
CA PRO B 40 4.40 0.79 1.34
C PRO B 40 3.19 0.42 2.18
N GLY B 41 2.06 1.05 1.86
CA GLY B 41 0.85 0.87 2.62
C GLY B 41 0.76 1.64 3.93
N LYS B 42 1.86 2.15 4.45
CA LYS B 42 1.82 2.78 5.77
C LYS B 42 1.92 4.30 5.66
N ALA B 43 1.62 4.95 6.79
CA ALA B 43 1.80 6.37 6.98
C ALA B 43 3.28 6.73 7.11
N PRO B 44 3.65 7.96 6.76
CA PRO B 44 5.02 8.40 6.99
C PRO B 44 5.40 8.29 8.47
N LYS B 45 6.67 7.97 8.71
CA LYS B 45 7.22 7.86 10.05
C LYS B 45 8.36 8.86 10.20
N LEU B 46 8.41 9.52 11.37
CA LEU B 46 9.47 10.49 11.67
C LEU B 46 10.82 9.79 11.88
N LEU B 47 11.83 10.18 11.10
CA LEU B 47 13.19 9.70 11.30
C LEU B 47 14.05 10.74 12.02
N ILE B 48 14.14 11.94 11.46
CA ILE B 48 15.04 12.98 11.94
C ILE B 48 14.29 14.31 11.94
N TYR B 49 14.44 15.07 13.00
CA TYR B 49 13.94 16.44 13.02
C TYR B 49 15.09 17.40 13.32
N ALA B 50 14.82 18.68 13.05
CA ALA B 50 15.84 19.72 13.26
C ALA B 50 17.13 19.38 12.53
N ALA B 51 16.97 18.86 11.30
CA ALA B 51 18.06 18.50 10.38
C ALA B 51 18.93 17.32 10.83
N SER B 52 19.29 17.22 12.12
CA SER B 52 20.25 16.21 12.54
C SER B 52 19.85 15.37 13.75
N THR B 53 18.70 15.63 14.37
CA THR B 53 18.33 14.95 15.62
C THR B 53 17.53 13.69 15.28
N LEU B 54 18.11 12.52 15.58
CA LEU B 54 17.39 11.27 15.42
C LEU B 54 16.23 11.19 16.42
N ASP B 55 15.09 10.69 15.96
CA ASP B 55 14.00 10.47 16.91
C ASP B 55 14.28 9.23 17.73
N SER B 56 13.76 9.23 18.94
CA SER B 56 13.86 8.07 19.83
C SER B 56 13.40 6.81 19.09
N GLY B 57 14.26 5.78 19.12
CA GLY B 57 13.93 4.51 18.51
C GLY B 57 14.42 4.32 17.09
N VAL B 58 14.89 5.37 16.42
CA VAL B 58 15.38 5.26 15.06
C VAL B 58 16.77 4.65 15.10
N PRO B 59 17.11 3.71 14.21
CA PRO B 59 18.43 3.08 14.23
C PRO B 59 19.55 4.07 13.96
N SER B 60 20.71 3.81 14.59
CA SER B 60 21.80 4.77 14.52
C SER B 60 22.42 4.88 13.12
N ARG B 61 22.16 3.92 12.23
CA ARG B 61 22.68 4.01 10.87
C ARG B 61 22.04 5.15 10.08
N PHE B 62 20.95 5.74 10.58
CA PHE B 62 20.39 6.92 9.95
C PHE B 62 21.05 8.15 10.51
N SER B 63 21.26 9.15 9.65
CA SER B 63 21.99 10.33 10.06
C SER B 63 21.62 11.47 9.12
N GLY B 64 21.51 12.68 9.67
CA GLY B 64 21.11 13.84 8.90
C GLY B 64 22.02 15.02 9.17
N SER B 65 22.34 15.74 8.10
CA SER B 65 23.22 16.91 8.21
C SER B 65 22.79 17.97 7.21
N GLY B 66 23.44 19.13 7.30
CA GLY B 66 23.14 20.27 6.45
C GLY B 66 22.65 21.49 7.21
N SER B 67 22.70 22.64 6.53
CA SER B 67 22.26 23.91 7.09
C SER B 67 21.94 24.86 5.94
N GLY B 68 21.10 25.85 6.22
CA GLY B 68 20.74 26.83 5.22
C GLY B 68 19.77 26.28 4.20
N THR B 69 20.30 25.87 3.03
CA THR B 69 19.46 25.38 1.94
C THR B 69 19.77 23.95 1.51
N ASP B 70 20.87 23.34 1.97
CA ASP B 70 21.32 22.05 1.46
C ASP B 70 21.40 21.04 2.60
N PHE B 71 20.64 19.96 2.50
CA PHE B 71 20.54 18.95 3.56
C PHE B 71 20.74 17.56 2.97
N THR B 72 21.17 16.64 3.84
CA THR B 72 21.50 15.28 3.43
C THR B 72 20.97 14.27 4.44
N LEU B 73 20.35 13.21 3.94
CA LEU B 73 20.06 12.02 4.73
C LEU B 73 21.04 10.91 4.35
N THR B 74 21.65 10.30 5.36
CA THR B 74 22.62 9.23 5.15
C THR B 74 22.16 7.97 5.87
N ILE B 75 22.18 6.85 5.16
CA ILE B 75 22.09 5.53 5.76
C ILE B 75 23.43 4.86 5.55
N SER B 76 24.09 4.53 6.65
CA SER B 76 25.49 4.11 6.60
C SER B 76 25.64 2.64 6.22
N SER B 77 24.70 1.78 6.63
CA SER B 77 24.71 0.36 6.27
C SER B 77 23.28 -0.03 5.92
N LEU B 78 22.94 0.09 4.63
CA LEU B 78 21.58 -0.14 4.18
C LEU B 78 21.10 -1.54 4.56
N GLN B 79 19.93 -1.60 5.19
CA GLN B 79 19.32 -2.85 5.58
C GLN B 79 18.09 -3.11 4.73
N PRO B 80 17.70 -4.38 4.53
CA PRO B 80 16.49 -4.66 3.73
C PRO B 80 15.24 -3.94 4.22
N GLU B 81 15.09 -3.79 5.55
CA GLU B 81 13.91 -3.13 6.06
C GLU B 81 13.91 -1.62 5.78
N ASP B 82 14.98 -1.08 5.21
CA ASP B 82 15.05 0.35 4.90
C ASP B 82 14.41 0.68 3.56
N PHE B 83 13.96 -0.32 2.80
CA PHE B 83 13.16 -0.07 1.61
C PHE B 83 11.95 0.78 1.95
N ALA B 84 11.84 1.95 1.30
CA ALA B 84 10.79 2.91 1.58
C ALA B 84 10.91 4.08 0.60
N THR B 85 9.98 5.01 0.72
CA THR B 85 10.12 6.33 0.12
C THR B 85 10.43 7.32 1.25
N TYR B 86 11.45 8.14 1.05
CA TYR B 86 11.93 9.09 2.04
C TYR B 86 11.56 10.50 1.60
N TYR B 87 11.05 11.29 2.54
CA TYR B 87 10.63 12.66 2.25
C TYR B 87 11.35 13.63 3.17
N CYS B 88 11.76 14.77 2.62
CA CYS B 88 12.17 15.87 3.47
C CYS B 88 10.99 16.82 3.66
N LEU B 89 11.01 17.53 4.77
CA LEU B 89 9.93 18.45 5.09
C LEU B 89 10.55 19.67 5.78
N GLN B 90 10.32 20.85 5.22
CA GLN B 90 10.65 22.08 5.93
C GLN B 90 9.44 22.55 6.73
N TYR B 91 9.71 23.18 7.87
CA TYR B 91 8.63 23.58 8.77
C TYR B 91 8.99 24.89 9.47
N THR B 92 9.64 25.81 8.77
CA THR B 92 9.87 27.15 9.28
C THR B 92 8.99 28.19 8.61
N ASN B 93 8.23 27.81 7.60
CA ASN B 93 7.55 28.78 6.76
C ASN B 93 6.27 28.15 6.20
N TYR B 94 5.11 28.86 6.36
CA TYR B 94 3.83 28.35 5.87
C TYR B 94 3.67 28.67 4.38
N PRO B 95 3.18 27.73 3.58
CA PRO B 95 2.71 26.38 3.98
C PRO B 95 3.87 25.42 4.17
N LEU B 96 3.78 24.46 5.09
CA LEU B 96 4.76 23.37 5.14
C LEU B 96 4.82 22.70 3.78
N THR B 97 6.03 22.32 3.36
CA THR B 97 6.22 21.75 2.04
C THR B 97 7.16 20.56 2.11
N PHE B 98 6.83 19.52 1.35
CA PHE B 98 7.60 18.28 1.29
C PHE B 98 8.41 18.24 0.01
N GLY B 99 9.53 17.52 0.05
CA GLY B 99 10.21 17.13 -1.17
C GLY B 99 9.38 16.11 -1.95
N GLN B 100 9.81 15.84 -3.18
CA GLN B 100 8.98 14.94 -4.00
C GLN B 100 9.18 13.48 -3.64
N GLY B 101 10.10 13.16 -2.74
CA GLY B 101 10.29 11.80 -2.31
C GLY B 101 11.38 11.08 -3.09
N THR B 102 12.17 10.27 -2.39
CA THR B 102 13.15 9.38 -2.99
C THR B 102 12.71 7.96 -2.68
N LYS B 103 12.50 7.14 -3.72
CA LYS B 103 12.18 5.75 -3.51
C LYS B 103 13.49 4.96 -3.51
N LEU B 104 13.76 4.26 -2.41
CA LEU B 104 15.02 3.54 -2.23
C LEU B 104 14.76 2.06 -2.45
N GLU B 105 15.30 1.51 -3.54
CA GLU B 105 15.15 0.12 -3.92
C GLU B 105 16.41 -0.68 -3.59
N ILE B 106 16.24 -1.93 -3.17
CA ILE B 106 17.32 -2.77 -2.68
C ILE B 106 17.76 -3.71 -3.79
N LYS B 107 19.05 -3.69 -4.13
CA LYS B 107 19.62 -4.72 -4.98
C LYS B 107 19.96 -5.95 -4.14
N ARG B 108 19.49 -7.12 -4.58
CA ARG B 108 19.86 -8.38 -3.96
C ARG B 108 20.24 -9.36 -5.07
N THR B 109 20.71 -10.55 -4.68
CA THR B 109 21.05 -11.57 -5.67
C THR B 109 19.80 -12.06 -6.40
N VAL B 110 20.02 -12.63 -7.59
CA VAL B 110 18.95 -13.28 -8.33
C VAL B 110 18.32 -14.37 -7.48
N ALA B 111 16.99 -14.45 -7.51
CA ALA B 111 16.24 -15.45 -6.76
C ALA B 111 15.13 -15.97 -7.65
N ALA B 112 15.04 -17.29 -7.80
CA ALA B 112 14.06 -17.88 -8.69
C ALA B 112 12.67 -17.81 -8.06
N PRO B 113 11.62 -17.70 -8.89
CA PRO B 113 10.26 -17.81 -8.37
C PRO B 113 9.85 -19.24 -8.11
N SER B 114 9.02 -19.42 -7.10
CA SER B 114 8.22 -20.62 -6.98
C SER B 114 6.89 -20.35 -7.67
N VAL B 115 6.46 -21.27 -8.53
CA VAL B 115 5.31 -21.03 -9.40
C VAL B 115 4.16 -21.94 -8.97
N PHE B 116 3.02 -21.32 -8.68
CA PHE B 116 1.83 -22.03 -8.26
C PHE B 116 0.67 -21.64 -9.18
N ILE B 117 -0.29 -22.53 -9.34
CA ILE B 117 -1.42 -22.26 -10.21
C ILE B 117 -2.70 -22.67 -9.49
N PHE B 118 -3.76 -21.90 -9.70
CA PHE B 118 -5.04 -22.13 -9.03
C PHE B 118 -6.15 -22.27 -10.07
N PRO B 119 -6.86 -23.38 -10.11
CA PRO B 119 -8.03 -23.49 -11.00
C PRO B 119 -9.15 -22.59 -10.51
N PRO B 120 -10.11 -22.25 -11.36
CA PRO B 120 -11.23 -21.42 -10.90
C PRO B 120 -12.10 -22.18 -9.92
N SER B 121 -12.72 -21.42 -9.01
CA SER B 121 -13.57 -21.98 -7.98
C SER B 121 -14.96 -22.29 -8.55
N ASP B 122 -15.60 -23.31 -7.99
CA ASP B 122 -16.96 -23.63 -8.43
C ASP B 122 -17.91 -22.46 -8.19
N GLU B 123 -17.74 -21.76 -7.07
CA GLU B 123 -18.60 -20.62 -6.77
C GLU B 123 -18.57 -19.60 -7.91
N GLN B 124 -17.38 -19.24 -8.39
CA GLN B 124 -17.28 -18.28 -9.48
C GLN B 124 -17.85 -18.84 -10.79
N LEU B 125 -17.57 -20.12 -11.08
CA LEU B 125 -18.10 -20.70 -12.30
C LEU B 125 -19.61 -20.64 -12.32
N LYS B 126 -20.24 -20.89 -11.18
CA LYS B 126 -21.68 -20.80 -11.07
C LYS B 126 -22.20 -19.41 -11.45
N SER B 127 -21.40 -18.36 -11.29
CA SER B 127 -21.77 -17.01 -11.66
C SER B 127 -21.45 -16.66 -13.11
N GLY B 128 -20.82 -17.56 -13.87
CA GLY B 128 -20.62 -17.35 -15.29
C GLY B 128 -19.23 -16.92 -15.72
N THR B 129 -18.27 -16.88 -14.80
CA THR B 129 -16.92 -16.39 -15.07
C THR B 129 -15.91 -17.40 -14.53
N ALA B 130 -14.74 -17.47 -15.18
CA ALA B 130 -13.65 -18.34 -14.77
C ALA B 130 -12.38 -17.51 -14.69
N SER B 131 -11.88 -17.30 -13.48
CA SER B 131 -10.56 -16.69 -13.27
C SER B 131 -9.56 -17.78 -12.95
N VAL B 132 -8.42 -17.76 -13.65
CA VAL B 132 -7.31 -18.66 -13.38
C VAL B 132 -6.12 -17.82 -12.90
N VAL B 133 -5.53 -18.19 -11.77
CA VAL B 133 -4.49 -17.39 -11.14
C VAL B 133 -3.19 -18.17 -11.14
N CYS B 134 -2.14 -17.55 -11.66
CA CYS B 134 -0.79 -18.08 -11.64
C CYS B 134 0.04 -17.21 -10.69
N LEU B 135 0.73 -17.85 -9.74
CA LEU B 135 1.46 -17.15 -8.68
C LEU B 135 2.96 -17.41 -8.81
N LEU B 136 3.74 -16.33 -8.95
CA LEU B 136 5.19 -16.34 -8.84
C LEU B 136 5.59 -15.77 -7.49
N ASN B 137 6.26 -16.56 -6.66
CA ASN B 137 6.47 -16.21 -5.27
C ASN B 137 7.96 -16.07 -4.96
N ASN B 138 8.33 -14.93 -4.36
CA ASN B 138 9.64 -14.65 -3.75
C ASN B 138 10.78 -14.82 -4.74
N PHE B 139 10.85 -13.87 -5.68
CA PHE B 139 11.83 -13.89 -6.75
C PHE B 139 12.46 -12.51 -6.90
N TYR B 140 13.56 -12.47 -7.65
CA TYR B 140 14.33 -11.26 -7.92
C TYR B 140 15.23 -11.57 -9.11
N PRO B 141 15.40 -10.63 -10.06
CA PRO B 141 14.81 -9.28 -10.16
C PRO B 141 13.33 -9.31 -10.54
N ARG B 142 12.75 -8.12 -10.64
CA ARG B 142 11.32 -7.98 -10.91
C ARG B 142 10.93 -8.45 -12.30
N GLU B 143 11.81 -8.29 -13.28
CA GLU B 143 11.50 -8.64 -14.66
C GLU B 143 11.15 -10.13 -14.77
N ALA B 144 9.95 -10.42 -15.27
CA ALA B 144 9.48 -11.79 -15.42
C ALA B 144 8.52 -11.85 -16.60
N LYS B 145 8.57 -12.97 -17.31
CA LYS B 145 7.71 -13.23 -18.45
C LYS B 145 6.74 -14.34 -18.05
N VAL B 146 5.45 -14.01 -18.00
CA VAL B 146 4.40 -14.97 -17.68
C VAL B 146 3.47 -15.05 -18.88
N GLN B 147 3.37 -16.24 -19.45
CA GLN B 147 2.60 -16.47 -20.66
C GLN B 147 1.54 -17.52 -20.38
N TRP B 148 0.29 -17.22 -20.74
CA TRP B 148 -0.78 -18.19 -20.65
C TRP B 148 -0.88 -18.96 -21.94
N LYS B 149 -0.87 -20.29 -21.83
CA LYS B 149 -1.10 -21.18 -22.95
C LYS B 149 -2.36 -21.99 -22.67
N VAL B 150 -3.30 -21.94 -23.61
CA VAL B 150 -4.56 -22.67 -23.50
C VAL B 150 -4.61 -23.65 -24.66
N ASP B 151 -4.49 -24.94 -24.35
CA ASP B 151 -4.34 -25.98 -25.37
C ASP B 151 -3.18 -25.66 -26.31
N ASN B 152 -2.04 -25.27 -25.72
CA ASN B 152 -0.79 -24.96 -26.42
C ASN B 152 -0.88 -23.73 -27.30
N ALA B 153 -1.88 -22.86 -27.08
CA ALA B 153 -2.06 -21.64 -27.85
C ALA B 153 -1.83 -20.44 -26.93
N LEU B 154 -0.89 -19.56 -27.30
CA LEU B 154 -0.56 -18.42 -26.47
C LEU B 154 -1.71 -17.42 -26.45
N GLN B 155 -2.10 -17.00 -25.24
CA GLN B 155 -3.17 -16.06 -25.00
C GLN B 155 -2.67 -14.62 -25.00
N SER B 156 -3.54 -13.70 -25.42
CA SER B 156 -3.28 -12.28 -25.23
C SER B 156 -4.60 -11.57 -25.00
N GLY B 157 -4.55 -10.53 -24.16
CA GLY B 157 -5.68 -9.65 -23.96
C GLY B 157 -6.67 -10.07 -22.91
N ASN B 158 -6.40 -11.16 -22.18
CA ASN B 158 -7.37 -11.68 -21.22
C ASN B 158 -6.71 -11.99 -19.89
N SER B 159 -5.57 -11.35 -19.60
CA SER B 159 -4.88 -11.53 -18.33
C SER B 159 -4.35 -10.20 -17.83
N GLN B 160 -4.13 -10.13 -16.52
CA GLN B 160 -3.65 -8.94 -15.83
C GLN B 160 -2.63 -9.36 -14.79
N GLU B 161 -1.59 -8.56 -14.62
CA GLU B 161 -0.55 -8.84 -13.65
C GLU B 161 -0.59 -7.86 -12.49
N SER B 162 -0.17 -8.34 -11.33
CA SER B 162 0.00 -7.54 -10.13
C SER B 162 1.29 -7.99 -9.46
N VAL B 163 2.11 -7.03 -9.03
CA VAL B 163 3.38 -7.31 -8.37
CA VAL B 163 3.38 -7.29 -8.38
C VAL B 163 3.39 -6.64 -7.00
N THR B 164 3.92 -7.33 -6.01
CA THR B 164 4.08 -6.70 -4.71
C THR B 164 5.29 -5.76 -4.71
N GLU B 165 5.34 -4.89 -3.70
CA GLU B 165 6.55 -4.15 -3.40
C GLU B 165 7.57 -5.08 -2.77
N GLN B 166 8.85 -4.70 -2.87
CA GLN B 166 9.94 -5.52 -2.29
C GLN B 166 9.63 -5.89 -0.86
N ASP B 167 9.86 -7.17 -0.53
CA ASP B 167 9.65 -7.64 0.82
C ASP B 167 10.65 -6.97 1.77
N SER B 168 10.15 -6.57 2.94
CA SER B 168 10.99 -5.81 3.85
C SER B 168 12.08 -6.65 4.48
N LYS B 169 12.02 -7.98 4.36
CA LYS B 169 13.03 -8.82 4.97
C LYS B 169 13.99 -9.45 3.96
N ASP B 170 13.53 -9.93 2.81
CA ASP B 170 14.42 -10.59 1.87
C ASP B 170 14.49 -9.88 0.52
N SER B 171 13.87 -8.73 0.40
CA SER B 171 13.92 -7.86 -0.78
C SER B 171 13.37 -8.47 -2.05
N THR B 172 12.60 -9.56 -1.98
CA THR B 172 12.08 -10.20 -3.18
C THR B 172 10.74 -9.60 -3.59
N TYR B 173 10.28 -10.02 -4.77
CA TYR B 173 8.94 -9.70 -5.26
C TYR B 173 8.09 -10.96 -5.31
N SER B 174 6.78 -10.75 -5.34
CA SER B 174 5.84 -11.77 -5.75
C SER B 174 4.95 -11.17 -6.83
N LEU B 175 4.38 -12.04 -7.67
CA LEU B 175 3.59 -11.58 -8.81
C LEU B 175 2.40 -12.52 -9.01
N SER B 176 1.27 -11.96 -9.42
CA SER B 176 0.11 -12.74 -9.82
C SER B 176 -0.24 -12.43 -11.26
N SER B 177 -0.53 -13.46 -12.05
CA SER B 177 -1.13 -13.31 -13.36
C SER B 177 -2.49 -13.96 -13.33
N THR B 178 -3.51 -13.20 -13.73
CA THR B 178 -4.90 -13.62 -13.61
C THR B 178 -5.52 -13.65 -15.01
N LEU B 179 -5.86 -14.85 -15.47
CA LEU B 179 -6.55 -15.08 -16.73
C LEU B 179 -8.05 -15.18 -16.45
N THR B 180 -8.85 -14.31 -17.09
CA THR B 180 -10.29 -14.30 -16.83
C THR B 180 -11.07 -14.54 -18.13
N LEU B 181 -11.85 -15.61 -18.15
CA LEU B 181 -12.70 -15.97 -19.27
C LEU B 181 -14.14 -16.08 -18.79
N SER B 182 -15.08 -15.97 -19.73
CA SER B 182 -16.43 -16.37 -19.43
C SER B 182 -16.49 -17.88 -19.27
N LYS B 183 -17.50 -18.37 -18.56
CA LYS B 183 -17.63 -19.82 -18.40
C LYS B 183 -17.72 -20.51 -19.76
N ALA B 184 -18.46 -19.93 -20.70
CA ALA B 184 -18.60 -20.55 -22.01
C ALA B 184 -17.24 -20.66 -22.71
N ASP B 185 -16.49 -19.55 -22.74
CA ASP B 185 -15.14 -19.59 -23.29
C ASP B 185 -14.27 -20.60 -22.56
N TYR B 186 -14.35 -20.60 -21.22
CA TYR B 186 -13.52 -21.49 -20.41
C TYR B 186 -13.79 -22.95 -20.74
N GLU B 187 -15.06 -23.29 -20.98
CA GLU B 187 -15.45 -24.66 -21.26
C GLU B 187 -15.13 -25.13 -22.67
N LYS B 188 -14.46 -24.31 -23.49
CA LYS B 188 -14.11 -24.70 -24.86
C LYS B 188 -12.72 -25.34 -24.95
N HIS B 189 -11.98 -25.42 -23.85
CA HIS B 189 -10.60 -25.88 -23.89
C HIS B 189 -10.32 -26.78 -22.69
N LYS B 190 -9.25 -27.56 -22.80
CA LYS B 190 -8.90 -28.54 -21.78
C LYS B 190 -7.73 -28.09 -20.92
N VAL B 191 -6.60 -27.77 -21.51
CA VAL B 191 -5.36 -27.54 -20.75
C VAL B 191 -5.17 -26.05 -20.52
N TYR B 192 -5.00 -25.68 -19.25
CA TYR B 192 -4.71 -24.32 -18.85
C TYR B 192 -3.34 -24.29 -18.21
N ALA B 193 -2.43 -23.51 -18.78
CA ALA B 193 -1.02 -23.52 -18.39
C ALA B 193 -0.49 -22.10 -18.35
N CYS B 194 0.31 -21.79 -17.33
CA CYS B 194 1.16 -20.60 -17.37
C CYS B 194 2.61 -21.03 -17.43
N GLU B 195 3.35 -20.43 -18.34
CA GLU B 195 4.75 -20.70 -18.56
C GLU B 195 5.55 -19.47 -18.15
N VAL B 196 6.52 -19.67 -17.26
CA VAL B 196 7.23 -18.60 -16.58
C VAL B 196 8.69 -18.63 -17.03
N THR B 197 9.19 -17.48 -17.47
CA THR B 197 10.60 -17.31 -17.81
C THR B 197 11.18 -16.25 -16.90
N HIS B 198 12.31 -16.56 -16.26
CA HIS B 198 12.92 -15.68 -15.27
C HIS B 198 14.43 -15.95 -15.21
N GLN B 199 15.17 -14.90 -14.86
CA GLN B 199 16.63 -14.98 -14.78
C GLN B 199 17.10 -16.12 -13.90
N GLY B 200 16.38 -16.39 -12.80
CA GLY B 200 16.77 -17.43 -11.86
C GLY B 200 16.44 -18.85 -12.29
N LEU B 201 15.70 -19.03 -13.37
CA LEU B 201 15.34 -20.35 -13.87
C LEU B 201 16.23 -20.69 -15.04
N SER B 202 16.76 -21.92 -15.05
CA SER B 202 17.62 -22.32 -16.16
C SER B 202 16.80 -22.65 -17.41
N SER B 203 15.53 -22.97 -17.24
CA SER B 203 14.63 -23.20 -18.36
C SER B 203 13.23 -22.86 -17.89
N PRO B 204 12.33 -22.48 -18.80
CA PRO B 204 11.01 -22.01 -18.36
C PRO B 204 10.23 -23.11 -17.65
N VAL B 205 9.52 -22.73 -16.58
CA VAL B 205 8.70 -23.68 -15.83
C VAL B 205 7.25 -23.48 -16.20
N THR B 206 6.55 -24.59 -16.42
CA THR B 206 5.14 -24.60 -16.75
C THR B 206 4.37 -25.29 -15.64
N LYS B 207 3.34 -24.61 -15.15
CA LYS B 207 2.35 -25.19 -14.25
C LYS B 207 1.00 -25.21 -14.96
N SER B 208 0.32 -26.35 -14.93
CA SER B 208 -0.90 -26.49 -15.70
C SER B 208 -1.90 -27.41 -14.99
N PHE B 209 -3.14 -27.38 -15.48
CA PHE B 209 -4.17 -28.33 -15.07
C PHE B 209 -5.12 -28.53 -16.24
N ASN B 210 -5.86 -29.63 -16.20
CA ASN B 210 -6.91 -29.90 -17.16
C ASN B 210 -8.25 -29.50 -16.56
N ARG B 211 -9.07 -28.80 -17.35
CA ARG B 211 -10.37 -28.35 -16.85
C ARG B 211 -11.22 -29.55 -16.43
N GLY B 212 -11.84 -29.44 -15.27
CA GLY B 212 -12.72 -30.48 -14.78
C GLY B 212 -12.05 -31.63 -14.03
N GLU B 213 -10.72 -31.70 -14.02
CA GLU B 213 -10.02 -32.79 -13.32
C GLU B 213 -9.86 -32.53 -11.83
N CYS B 214 -10.01 -31.29 -11.37
CA CYS B 214 -9.83 -30.97 -9.95
C CYS B 214 -11.14 -31.10 -9.20
C1 EDO C . -6.51 -9.21 -10.81
O1 EDO C . -5.13 -8.81 -10.74
C2 EDO C . -6.95 -9.81 -9.47
O2 EDO C . -6.17 -11.00 -9.17
C1 EDO D . 8.55 13.68 19.36
O1 EDO D . 8.49 12.27 19.67
C2 EDO D . 9.92 14.07 18.82
O2 EDO D . 9.85 15.39 18.26
C1 EDO E . -12.15 29.00 7.23
O1 EDO E . -13.47 28.48 6.97
C2 EDO E . -11.54 29.51 5.92
O2 EDO E . -12.03 28.74 4.82
C1 EDO F . 1.48 -7.60 1.15
O1 EDO F . 0.66 -8.04 2.25
C2 EDO F . 2.81 -8.34 1.25
O2 EDO F . 3.54 -8.30 0.01
NA NA G . 4.03 18.18 -2.50
NA NA H . -18.42 13.11 3.80
NA NA I . -16.81 -13.07 -11.35
C1 EDO J . 13.74 2.58 10.47
O1 EDO J . 12.33 2.38 10.63
C2 EDO J . 14.41 1.36 9.85
O2 EDO J . 13.96 1.08 8.51
C1 EDO K . -10.91 -27.46 -12.37
O1 EDO K . -11.43 -28.78 -12.11
C2 EDO K . -12.04 -26.50 -12.76
O2 EDO K . -12.33 -26.65 -14.17
C1 EDO L . 20.84 -11.59 -1.41
O1 EDO L . 21.79 -10.65 -1.90
C2 EDO L . 21.48 -12.65 -0.53
O2 EDO L . 20.44 -13.33 0.21
C1 EDO M . 8.73 -21.49 -1.59
O1 EDO M . 7.81 -22.52 -2.01
C2 EDO M . 8.29 -20.12 -2.09
O2 EDO M . 6.94 -19.84 -1.69
C ACT N . 0.18 -3.61 -10.39
O ACT N . -0.95 -3.17 -10.00
OXT ACT N . 1.21 -3.94 -9.69
CH3 ACT N . 0.34 -3.81 -11.96
C ACT O . 15.95 -2.79 -7.79
O ACT O . 16.88 -3.22 -7.03
OXT ACT O . 14.73 -3.18 -7.85
CH3 ACT O . 16.37 -1.65 -8.79
C ACT P . 28.46 -2.63 6.24
O ACT P . 28.74 -1.40 6.39
OXT ACT P . 28.45 -3.31 5.16
CH3 ACT P . 28.05 -3.42 7.54
NA NA Q . 2.81 -4.89 -1.64
NA NA R . 14.56 -5.47 -9.88
NA NA S . 11.04 30.41 -3.46
NA NA T . 13.97 -19.14 -17.76
#